data_9G9V
#
_entry.id   9G9V
#
_cell.length_a   1.00
_cell.length_b   1.00
_cell.length_c   1.00
_cell.angle_alpha   90.00
_cell.angle_beta   90.00
_cell.angle_gamma   90.00
#
_symmetry.space_group_name_H-M   'P 1'
#
loop_
_entity.id
_entity.type
_entity.pdbx_description
1 polymer 'Potassium channel subfamily K member 9'
2 non-polymer 'CHOLESTEROL HEMISUCCINATE'
3 non-polymer 'POTASSIUM ION'
#
_entity_poly.entity_id   1
_entity_poly.type   'polypeptide(L)'
_entity_poly.pdbx_seq_one_letter_code
;MKRQNVRTLSLIVCTFTYLLVGAAVFDALESDHEMREEEKLKAEEIRIKGKYNISSEDYRQLELVILQSEPHRAGVQWKF
AGSFYFAITVITTIGYGHAAPGTDAGKAFCMFYAVLGIPLTLVMFQSLGERMNTFVRYLLKRIKKCCGMRNTDVSMENMV
TVGFFSCMGTLCIGAAAFSQCEEWSFFHAYYYCFITLTTIGFGDYVALQTKGALQKKPLYVAFSFMYILVGLTVIGAFLN
LVVLRFLTMNSEDERRDAEAELEVLFQ
;
_entity_poly.pdbx_strand_id   A,B
#
loop_
_chem_comp.id
_chem_comp.type
_chem_comp.name
_chem_comp.formula
K non-polymer 'POTASSIUM ION' 'K 1'
Y01 non-polymer 'CHOLESTEROL HEMISUCCINATE' 'C31 H50 O4'
#
# COMPACT_ATOMS: atom_id res chain seq x y z
N MET A 1 22.24 14.30 -23.72
CA MET A 1 22.81 13.19 -22.96
C MET A 1 22.56 13.37 -21.46
N LYS A 2 23.15 14.41 -20.89
CA LYS A 2 23.17 14.56 -19.44
C LYS A 2 21.80 14.83 -18.84
N ARG A 3 20.84 15.32 -19.63
CA ARG A 3 19.58 15.79 -19.07
C ARG A 3 18.86 14.68 -18.31
N GLN A 4 18.87 13.46 -18.86
CA GLN A 4 18.27 12.33 -18.16
C GLN A 4 18.97 12.07 -16.83
N ASN A 5 20.29 12.23 -16.78
CA ASN A 5 20.99 11.97 -15.54
C ASN A 5 20.75 13.09 -14.53
N VAL A 6 20.81 14.34 -14.96
CA VAL A 6 20.65 15.42 -13.99
C VAL A 6 19.23 15.42 -13.41
N ARG A 7 18.22 15.06 -14.21
CA ARG A 7 16.88 14.91 -13.63
C ARG A 7 16.76 13.69 -12.72
N THR A 8 17.49 12.61 -12.99
CA THR A 8 17.47 11.49 -12.08
C THR A 8 18.11 11.85 -10.74
N LEU A 9 19.30 12.44 -10.77
CA LEU A 9 19.97 12.80 -9.54
C LEU A 9 19.21 13.86 -8.76
N SER A 10 18.63 14.85 -9.45
CA SER A 10 17.84 15.83 -8.73
C SER A 10 16.59 15.23 -8.11
N LEU A 11 15.98 14.22 -8.75
CA LEU A 11 14.89 13.51 -8.10
C LEU A 11 15.35 12.74 -6.86
N ILE A 12 16.50 12.09 -6.92
CA ILE A 12 16.99 11.35 -5.75
C ILE A 12 17.28 12.29 -4.59
N VAL A 13 18.02 13.36 -4.85
CA VAL A 13 18.36 14.31 -3.79
C VAL A 13 17.10 14.99 -3.24
N CYS A 14 16.13 15.28 -4.11
CA CYS A 14 14.86 15.81 -3.63
C CYS A 14 14.14 14.81 -2.73
N THR A 15 14.16 13.52 -3.10
CA THR A 15 13.48 12.52 -2.27
C THR A 15 14.12 12.39 -0.89
N PHE A 16 15.44 12.25 -0.83
CA PHE A 16 16.08 12.10 0.48
C PHE A 16 15.94 13.36 1.35
N THR A 17 16.04 14.55 0.76
CA THR A 17 15.78 15.73 1.57
C THR A 17 14.32 15.83 2.00
N TYR A 18 13.41 15.31 1.18
CA TYR A 18 12.01 15.28 1.59
C TYR A 18 11.75 14.26 2.69
N LEU A 19 12.50 13.18 2.73
CA LEU A 19 12.43 12.27 3.88
C LEU A 19 12.94 12.93 5.16
N LEU A 20 14.05 13.66 5.08
CA LEU A 20 14.54 14.34 6.28
C LEU A 20 13.55 15.38 6.79
N VAL A 21 12.99 16.18 5.88
CA VAL A 21 11.95 17.13 6.28
C VAL A 21 10.76 16.42 6.88
N GLY A 22 10.45 15.22 6.40
CA GLY A 22 9.40 14.44 7.03
C GLY A 22 9.72 13.97 8.43
N ALA A 23 10.82 13.24 8.56
CA ALA A 23 11.17 12.61 9.83
C ALA A 23 11.31 13.63 10.97
N ALA A 24 12.02 14.73 10.73
CA ALA A 24 12.18 15.70 11.81
C ALA A 24 10.86 16.38 12.20
N VAL A 25 9.89 16.40 11.31
CA VAL A 25 8.59 16.94 11.67
C VAL A 25 7.74 15.93 12.42
N PHE A 26 7.76 14.66 12.05
CA PHE A 26 7.01 13.69 12.85
C PHE A 26 7.58 13.54 14.25
N ASP A 27 8.90 13.64 14.42
CA ASP A 27 9.46 13.75 15.77
C ASP A 27 8.88 14.94 16.51
N ALA A 28 8.86 16.11 15.86
CA ALA A 28 8.38 17.30 16.54
C ALA A 28 6.91 17.20 16.88
N LEU A 29 6.12 16.57 16.00
CA LEU A 29 4.68 16.50 16.23
C LEU A 29 4.29 15.53 17.33
N GLU A 30 5.03 14.43 17.55
CA GLU A 30 4.46 13.47 18.48
C GLU A 30 5.42 12.59 19.27
N SER A 31 6.71 12.90 19.35
CA SER A 31 7.56 12.16 20.29
C SER A 31 7.05 12.31 21.71
N ASP A 32 6.63 13.52 22.09
CA ASP A 32 6.10 13.73 23.43
C ASP A 32 4.76 13.02 23.64
N HIS A 33 3.93 12.93 22.60
CA HIS A 33 2.66 12.23 22.78
C HIS A 33 2.87 10.76 23.06
N GLU A 34 3.82 10.14 22.34
CA GLU A 34 4.20 8.77 22.68
C GLU A 34 4.74 8.68 24.10
N MET A 35 5.54 9.66 24.52
CA MET A 35 6.12 9.61 25.86
C MET A 35 5.05 9.69 26.95
N ARG A 36 4.00 10.46 26.74
CA ARG A 36 2.87 10.45 27.67
C ARG A 36 2.11 9.12 27.63
N GLU A 37 1.82 8.62 26.44
CA GLU A 37 1.03 7.40 26.32
C GLU A 37 1.71 6.20 26.95
N GLU A 38 3.00 6.04 26.70
CA GLU A 38 3.76 4.95 27.31
C GLU A 38 3.65 4.96 28.84
N GLU A 39 3.88 6.12 29.46
CA GLU A 39 3.80 6.20 30.92
C GLU A 39 2.40 5.89 31.44
N LYS A 40 1.37 6.39 30.77
CA LYS A 40 0.00 6.13 31.22
C LYS A 40 -0.37 4.66 31.09
N LEU A 41 0.00 4.03 29.97
CA LEU A 41 -0.28 2.61 29.80
C LEU A 41 0.51 1.75 30.76
N LYS A 42 1.76 2.13 31.05
CA LYS A 42 2.54 1.39 32.03
C LYS A 42 1.91 1.44 33.41
N ALA A 43 1.42 2.61 33.83
CA ALA A 43 0.73 2.71 35.12
C ALA A 43 -0.54 1.85 35.16
N GLU A 44 -1.35 1.88 34.09
CA GLU A 44 -2.56 1.05 34.06
C GLU A 44 -2.22 -0.44 34.10
N GLU A 45 -1.16 -0.84 33.42
CA GLU A 45 -0.70 -2.21 33.51
C GLU A 45 -0.29 -2.57 34.93
N ILE A 46 0.56 -1.75 35.55
CA ILE A 46 1.09 -2.09 36.86
C ILE A 46 -0.04 -2.24 37.87
N ARG A 47 -0.99 -1.30 37.87
CA ARG A 47 -2.09 -1.38 38.84
C ARG A 47 -2.97 -2.60 38.63
N ILE A 48 -3.26 -2.98 37.38
CA ILE A 48 -4.11 -4.15 37.17
C ILE A 48 -3.36 -5.43 37.46
N LYS A 49 -2.14 -5.55 36.96
CA LYS A 49 -1.33 -6.74 37.22
C LYS A 49 -1.13 -6.96 38.71
N GLY A 50 -0.91 -5.89 39.47
CA GLY A 50 -0.77 -6.04 40.92
C GLY A 50 -2.07 -6.39 41.62
N LYS A 51 -3.16 -5.72 41.25
CA LYS A 51 -4.42 -5.94 41.96
C LYS A 51 -4.91 -7.38 41.85
N TYR A 52 -4.63 -8.06 40.75
CA TYR A 52 -4.95 -9.48 40.61
C TYR A 52 -3.77 -10.41 40.80
N ASN A 53 -2.59 -9.90 41.16
CA ASN A 53 -1.39 -10.71 41.39
C ASN A 53 -1.10 -11.65 40.23
N ILE A 54 -1.18 -11.12 39.01
CA ILE A 54 -1.05 -11.95 37.81
C ILE A 54 0.40 -12.39 37.66
N SER A 55 0.60 -13.70 37.49
CA SER A 55 1.95 -14.22 37.28
C SER A 55 2.46 -13.84 35.90
N SER A 56 3.79 -13.68 35.81
CA SER A 56 4.42 -13.17 34.60
C SER A 56 4.15 -14.07 33.40
N GLU A 57 4.23 -15.39 33.58
CA GLU A 57 3.91 -16.30 32.49
C GLU A 57 2.43 -16.26 32.13
N ASP A 58 1.56 -16.09 33.13
CA ASP A 58 0.14 -15.94 32.85
C ASP A 58 -0.14 -14.65 32.12
N TYR A 59 0.50 -13.55 32.51
CA TYR A 59 0.31 -12.29 31.80
C TYR A 59 0.86 -12.35 30.38
N ARG A 60 2.03 -12.95 30.18
CA ARG A 60 2.56 -13.14 28.83
C ARG A 60 1.61 -13.94 27.94
N GLN A 61 1.09 -15.06 28.45
CA GLN A 61 0.15 -15.85 27.67
C GLN A 61 -1.14 -15.10 27.39
N LEU A 62 -1.67 -14.40 28.39
CA LEU A 62 -2.85 -13.58 28.17
C LEU A 62 -2.61 -12.50 27.13
N GLU A 63 -1.43 -11.90 27.14
CA GLU A 63 -1.08 -10.89 26.12
C GLU A 63 -1.12 -11.49 24.72
N LEU A 64 -0.51 -12.65 24.52
CA LEU A 64 -0.58 -13.31 23.22
C LEU A 64 -2.01 -13.66 22.84
N VAL A 65 -2.80 -14.15 23.80
CA VAL A 65 -4.19 -14.49 23.54
C VAL A 65 -4.99 -13.27 23.09
N ILE A 66 -4.79 -12.15 23.77
CA ILE A 66 -5.49 -10.92 23.39
C ILE A 66 -5.08 -10.47 21.99
N LEU A 67 -3.77 -10.39 21.74
CA LEU A 67 -3.30 -9.89 20.45
C LEU A 67 -3.78 -10.77 19.29
N GLN A 68 -3.83 -12.09 19.49
CA GLN A 68 -4.36 -12.95 18.43
C GLN A 68 -5.88 -12.97 18.36
N SER A 69 -6.57 -12.59 19.44
CA SER A 69 -8.03 -12.51 19.39
C SER A 69 -8.54 -11.22 18.76
N GLU A 70 -7.74 -10.16 18.78
CA GLU A 70 -8.14 -8.90 18.15
C GLU A 70 -8.70 -9.04 16.73
N PRO A 71 -8.10 -9.83 15.83
CA PRO A 71 -8.70 -10.00 14.50
C PRO A 71 -9.98 -10.84 14.47
N HIS A 72 -10.32 -11.56 15.55
CA HIS A 72 -11.54 -12.37 15.56
C HIS A 72 -12.70 -11.70 16.26
N ARG A 73 -12.44 -10.85 17.25
CA ARG A 73 -13.52 -10.20 17.99
C ARG A 73 -14.35 -9.29 17.11
N ALA A 74 -13.84 -8.89 15.95
CA ALA A 74 -14.58 -8.08 15.00
C ALA A 74 -15.56 -8.90 14.16
N GLY A 75 -15.60 -10.21 14.31
CA GLY A 75 -16.43 -11.06 13.49
C GLY A 75 -15.63 -11.88 12.50
N VAL A 76 -16.22 -13.00 12.09
CA VAL A 76 -15.49 -13.97 11.28
C VAL A 76 -15.04 -13.33 9.98
N GLN A 77 -13.75 -13.45 9.69
CA GLN A 77 -13.16 -12.81 8.52
C GLN A 77 -13.31 -13.66 7.27
N TRP A 78 -12.94 -14.93 7.36
CA TRP A 78 -12.76 -15.78 6.18
C TRP A 78 -14.05 -16.49 5.81
N LYS A 79 -15.03 -15.67 5.41
CA LYS A 79 -16.22 -16.12 4.73
C LYS A 79 -16.40 -15.19 3.55
N PHE A 80 -17.22 -15.59 2.58
CA PHE A 80 -17.15 -15.00 1.25
C PHE A 80 -17.10 -13.49 1.28
N ALA A 81 -17.91 -12.85 2.12
CA ALA A 81 -17.87 -11.39 2.20
C ALA A 81 -16.50 -10.90 2.63
N GLY A 82 -15.92 -11.52 3.66
CA GLY A 82 -14.61 -11.11 4.11
C GLY A 82 -13.47 -11.53 3.21
N SER A 83 -13.60 -12.68 2.54
CA SER A 83 -12.58 -13.05 1.56
C SER A 83 -12.61 -12.14 0.34
N PHE A 84 -13.78 -11.62 -0.02
CA PHE A 84 -13.84 -10.64 -1.09
C PHE A 84 -13.27 -9.30 -0.66
N TYR A 85 -13.54 -8.90 0.59
CA TYR A 85 -12.93 -7.69 1.10
C TYR A 85 -11.41 -7.80 1.15
N PHE A 86 -10.90 -8.94 1.61
CA PHE A 86 -9.46 -9.18 1.57
C PHE A 86 -8.89 -9.15 0.16
N ALA A 87 -9.53 -9.84 -0.77
CA ALA A 87 -9.03 -9.84 -2.14
C ALA A 87 -8.95 -8.43 -2.72
N ILE A 88 -9.96 -7.60 -2.46
CA ILE A 88 -9.86 -6.18 -2.83
C ILE A 88 -8.63 -5.54 -2.21
N THR A 89 -8.41 -5.76 -0.91
CA THR A 89 -7.29 -5.10 -0.25
C THR A 89 -5.92 -5.65 -0.67
N VAL A 90 -5.87 -6.84 -1.29
CA VAL A 90 -4.61 -7.29 -1.87
C VAL A 90 -4.38 -6.68 -3.26
N ILE A 91 -5.28 -6.94 -4.21
CA ILE A 91 -4.95 -6.56 -5.59
C ILE A 91 -4.89 -5.06 -5.77
N THR A 92 -5.66 -4.28 -5.01
CA THR A 92 -5.49 -2.84 -5.08
C THR A 92 -4.32 -2.34 -4.25
N THR A 93 -3.64 -3.24 -3.54
CA THR A 93 -2.50 -2.95 -2.66
C THR A 93 -2.85 -2.07 -1.47
N ILE A 94 -4.12 -1.95 -1.09
CA ILE A 94 -4.42 -1.25 0.16
C ILE A 94 -3.71 -1.95 1.30
N GLY A 95 -3.91 -3.26 1.42
CA GLY A 95 -3.28 -4.05 2.45
C GLY A 95 -3.50 -3.64 3.89
N TYR A 96 -4.76 -3.51 4.32
CA TYR A 96 -5.01 -3.13 5.71
C TYR A 96 -4.34 -4.07 6.68
N GLY A 97 -4.44 -5.38 6.44
CA GLY A 97 -3.87 -6.32 7.37
C GLY A 97 -4.70 -6.49 8.63
N HIS A 98 -5.98 -6.15 8.57
CA HIS A 98 -6.90 -6.53 9.63
C HIS A 98 -6.99 -8.05 9.76
N ALA A 99 -6.89 -8.75 8.64
CA ALA A 99 -6.66 -10.18 8.61
C ALA A 99 -5.53 -10.45 7.63
N ALA A 100 -4.80 -11.52 7.89
CA ALA A 100 -3.72 -11.92 7.00
C ALA A 100 -3.61 -13.43 7.02
N PRO A 101 -3.15 -14.02 5.93
CA PRO A 101 -3.20 -15.48 5.78
C PRO A 101 -2.52 -16.24 6.90
N GLY A 102 -3.27 -17.11 7.56
CA GLY A 102 -2.76 -17.85 8.69
C GLY A 102 -1.85 -18.99 8.26
N THR A 103 -2.37 -19.87 7.43
CA THR A 103 -1.60 -21.02 7.00
C THR A 103 -0.55 -20.62 5.98
N ASP A 104 0.54 -21.41 5.92
CA ASP A 104 1.57 -21.17 4.92
C ASP A 104 1.04 -21.35 3.50
N ALA A 105 0.04 -22.20 3.31
CA ALA A 105 -0.62 -22.29 2.00
C ALA A 105 -1.33 -20.99 1.65
N GLY A 106 -1.98 -20.36 2.63
CA GLY A 106 -2.58 -19.06 2.38
C GLY A 106 -1.58 -17.98 1.99
N LYS A 107 -0.47 -17.90 2.73
CA LYS A 107 0.60 -16.98 2.35
C LYS A 107 1.13 -17.24 0.94
N ALA A 108 1.39 -18.50 0.60
CA ALA A 108 1.91 -18.81 -0.72
C ALA A 108 0.93 -18.44 -1.82
N PHE A 109 -0.34 -18.77 -1.64
CA PHE A 109 -1.32 -18.36 -2.64
C PHE A 109 -1.43 -16.85 -2.71
N CYS A 110 -1.36 -16.15 -1.57
CA CYS A 110 -1.45 -14.70 -1.59
C CYS A 110 -0.33 -14.09 -2.43
N MET A 111 0.86 -14.68 -2.39
CA MET A 111 1.94 -14.16 -3.23
C MET A 111 1.66 -14.39 -4.71
N PHE A 112 1.30 -15.61 -5.09
CA PHE A 112 0.96 -15.84 -6.50
C PHE A 112 -0.24 -15.03 -6.95
N TYR A 113 -1.19 -14.78 -6.05
CA TYR A 113 -2.36 -13.98 -6.40
C TYR A 113 -2.01 -12.52 -6.62
N ALA A 114 -1.14 -11.96 -5.79
CA ALA A 114 -0.74 -10.56 -5.98
C ALA A 114 0.07 -10.37 -7.25
N VAL A 115 0.97 -11.31 -7.56
CA VAL A 115 1.84 -11.17 -8.73
C VAL A 115 1.03 -10.90 -10.00
N LEU A 116 -0.03 -11.66 -10.22
CA LEU A 116 -0.86 -11.40 -11.39
C LEU A 116 -1.91 -10.33 -11.15
N GLY A 117 -2.45 -10.22 -9.93
CA GLY A 117 -3.55 -9.30 -9.71
C GLY A 117 -3.18 -7.84 -9.85
N ILE A 118 -1.99 -7.46 -9.44
CA ILE A 118 -1.64 -6.04 -9.40
C ILE A 118 -1.40 -5.42 -10.77
N PRO A 119 -0.59 -6.00 -11.66
CA PRO A 119 -0.56 -5.47 -13.03
C PRO A 119 -1.93 -5.35 -13.69
N LEU A 120 -2.78 -6.37 -13.54
CA LEU A 120 -4.14 -6.29 -14.06
C LEU A 120 -4.90 -5.09 -13.49
N THR A 121 -4.76 -4.86 -12.18
CA THR A 121 -5.50 -3.77 -11.56
C THR A 121 -4.97 -2.40 -11.98
N LEU A 122 -3.66 -2.25 -12.10
CA LEU A 122 -3.11 -1.01 -12.62
C LEU A 122 -3.63 -0.70 -14.01
N VAL A 123 -3.57 -1.69 -14.90
CA VAL A 123 -4.05 -1.45 -16.26
C VAL A 123 -5.54 -1.16 -16.29
N MET A 124 -6.31 -1.79 -15.41
CA MET A 124 -7.74 -1.49 -15.37
C MET A 124 -8.02 -0.06 -14.90
N PHE A 125 -7.48 0.34 -13.76
CA PHE A 125 -7.77 1.69 -13.29
C PHE A 125 -7.17 2.78 -14.17
N GLN A 126 -5.99 2.56 -14.77
CA GLN A 126 -5.48 3.57 -15.68
C GLN A 126 -6.28 3.66 -16.98
N SER A 127 -6.77 2.53 -17.50
CA SER A 127 -7.65 2.60 -18.67
C SER A 127 -8.96 3.29 -18.35
N LEU A 128 -9.60 2.88 -17.25
CA LEU A 128 -10.86 3.50 -16.88
C LEU A 128 -10.70 4.96 -16.48
N GLY A 129 -9.55 5.33 -15.94
CA GLY A 129 -9.27 6.74 -15.71
C GLY A 129 -9.13 7.54 -16.99
N GLU A 130 -8.46 6.97 -18.00
CA GLU A 130 -8.37 7.66 -19.28
C GLU A 130 -9.73 7.82 -19.94
N ARG A 131 -10.61 6.84 -19.76
CA ARG A 131 -11.99 7.00 -20.21
C ARG A 131 -12.71 8.11 -19.46
N MET A 132 -12.54 8.18 -18.14
CA MET A 132 -13.16 9.26 -17.38
C MET A 132 -12.68 10.63 -17.83
N ASN A 133 -11.37 10.81 -17.99
CA ASN A 133 -10.88 12.10 -18.45
C ASN A 133 -11.38 12.46 -19.84
N THR A 134 -11.50 11.47 -20.74
CA THR A 134 -12.04 11.78 -22.06
C THR A 134 -13.50 12.23 -21.96
N PHE A 135 -14.30 11.50 -21.18
CA PHE A 135 -15.70 11.88 -21.00
C PHE A 135 -15.85 13.26 -20.36
N VAL A 136 -15.06 13.55 -19.33
CA VAL A 136 -15.10 14.87 -18.70
C VAL A 136 -14.73 15.95 -19.71
N ARG A 137 -13.72 15.70 -20.55
CA ARG A 137 -13.35 16.68 -21.56
C ARG A 137 -14.50 16.95 -22.53
N TYR A 138 -15.18 15.89 -22.98
CA TYR A 138 -16.36 16.08 -23.83
C TYR A 138 -17.44 16.89 -23.13
N LEU A 139 -17.87 16.45 -21.95
CA LEU A 139 -18.97 17.13 -21.25
C LEU A 139 -18.62 18.57 -20.90
N LEU A 140 -17.35 18.84 -20.57
CA LEU A 140 -16.96 20.22 -20.27
C LEU A 140 -16.94 21.11 -21.50
N LYS A 141 -16.48 20.58 -22.64
CA LYS A 141 -16.53 21.37 -23.87
C LYS A 141 -17.97 21.63 -24.31
N ARG A 142 -18.83 20.63 -24.20
CA ARG A 142 -20.25 20.85 -24.46
C ARG A 142 -20.86 21.85 -23.48
N ILE A 143 -20.48 21.79 -22.21
CA ILE A 143 -20.94 22.78 -21.23
C ILE A 143 -20.53 24.19 -21.62
N LYS A 144 -19.32 24.36 -22.15
CA LYS A 144 -18.91 25.66 -22.64
C LYS A 144 -19.72 26.10 -23.86
N LYS A 145 -20.06 25.17 -24.75
CA LYS A 145 -20.97 25.49 -25.85
C LYS A 145 -22.35 25.92 -25.33
N CYS A 146 -22.91 25.15 -24.40
CA CYS A 146 -24.22 25.48 -23.84
C CYS A 146 -24.20 26.83 -23.12
N CYS A 147 -23.11 27.12 -22.39
CA CYS A 147 -22.99 28.41 -21.72
C CYS A 147 -22.68 29.55 -22.68
N GLY A 148 -22.49 29.27 -23.97
CA GLY A 148 -22.20 30.32 -24.92
C GLY A 148 -20.83 30.96 -24.77
N MET A 149 -19.85 30.20 -24.29
CA MET A 149 -18.52 30.75 -24.08
C MET A 149 -17.92 31.26 -25.38
N ARG A 150 -17.07 32.29 -25.26
CA ARG A 150 -16.47 32.90 -26.43
C ARG A 150 -15.57 31.96 -27.21
N ASN A 151 -15.08 30.88 -26.57
CA ASN A 151 -14.42 29.82 -27.29
C ASN A 151 -14.67 28.50 -26.59
N THR A 152 -14.51 27.41 -27.34
CA THR A 152 -14.75 26.06 -26.85
C THR A 152 -13.46 25.33 -26.46
N ASP A 153 -12.37 26.06 -26.24
CA ASP A 153 -11.15 25.43 -25.77
C ASP A 153 -11.36 24.85 -24.38
N VAL A 154 -10.68 23.74 -24.12
CA VAL A 154 -10.76 23.05 -22.83
C VAL A 154 -9.32 22.82 -22.36
N SER A 155 -8.76 23.81 -21.68
CA SER A 155 -7.34 23.83 -21.39
C SER A 155 -7.01 22.85 -20.26
N MET A 156 -5.71 22.60 -20.10
CA MET A 156 -5.22 21.76 -19.02
C MET A 156 -5.67 22.27 -17.65
N GLU A 157 -5.64 23.58 -17.43
CA GLU A 157 -6.09 24.14 -16.15
C GLU A 157 -7.55 23.84 -15.84
N ASN A 158 -8.41 23.77 -16.87
CA ASN A 158 -9.79 23.41 -16.61
C ASN A 158 -9.93 21.95 -16.21
N MET A 159 -9.22 21.06 -16.91
CA MET A 159 -9.25 19.65 -16.55
C MET A 159 -8.69 19.41 -15.16
N VAL A 160 -7.56 20.04 -14.85
CA VAL A 160 -6.96 19.87 -13.53
C VAL A 160 -7.87 20.40 -12.44
N THR A 161 -8.60 21.48 -12.71
CA THR A 161 -9.58 21.96 -11.74
C THR A 161 -10.67 20.93 -11.48
N VAL A 162 -11.27 20.40 -12.54
CA VAL A 162 -12.33 19.41 -12.33
C VAL A 162 -11.79 18.13 -11.70
N GLY A 163 -10.59 17.70 -12.08
CA GLY A 163 -10.00 16.53 -11.45
C GLY A 163 -9.75 16.71 -9.96
N PHE A 164 -9.17 17.84 -9.58
CA PHE A 164 -8.90 18.09 -8.17
C PHE A 164 -10.19 18.17 -7.35
N PHE A 165 -11.18 18.92 -7.82
CA PHE A 165 -12.43 18.94 -7.06
C PHE A 165 -13.21 17.63 -7.14
N SER A 166 -12.93 16.77 -8.12
CA SER A 166 -13.47 15.42 -8.06
C SER A 166 -12.82 14.60 -6.94
N CYS A 167 -11.51 14.74 -6.75
CA CYS A 167 -10.85 14.06 -5.64
C CYS A 167 -11.37 14.58 -4.30
N MET A 168 -11.40 15.89 -4.13
CA MET A 168 -11.90 16.48 -2.90
C MET A 168 -13.36 16.08 -2.65
N GLY A 169 -14.16 16.02 -3.70
CA GLY A 169 -15.54 15.61 -3.54
C GLY A 169 -15.69 14.16 -3.12
N THR A 170 -15.00 13.25 -3.79
CA THR A 170 -15.14 11.84 -3.44
C THR A 170 -14.60 11.54 -2.04
N LEU A 171 -13.58 12.26 -1.58
CA LEU A 171 -13.17 12.12 -0.19
C LEU A 171 -14.22 12.64 0.78
N CYS A 172 -14.82 13.80 0.51
CA CYS A 172 -15.86 14.30 1.41
C CYS A 172 -17.10 13.42 1.42
N ILE A 173 -17.52 12.89 0.27
CA ILE A 173 -18.65 11.97 0.25
C ILE A 173 -18.32 10.69 1.01
N GLY A 174 -17.08 10.22 0.92
CA GLY A 174 -16.69 9.10 1.75
C GLY A 174 -16.76 9.40 3.23
N ALA A 175 -16.16 10.52 3.65
CA ALA A 175 -16.16 10.87 5.06
C ALA A 175 -17.56 11.05 5.60
N ALA A 176 -18.43 11.70 4.85
CA ALA A 176 -19.83 11.88 5.26
C ALA A 176 -20.58 10.55 5.32
N ALA A 177 -20.18 9.58 4.49
CA ALA A 177 -20.85 8.28 4.55
C ALA A 177 -20.36 7.46 5.74
N PHE A 178 -19.04 7.33 5.91
CA PHE A 178 -18.51 6.50 6.98
C PHE A 178 -18.76 7.07 8.35
N SER A 179 -18.66 8.39 8.53
CA SER A 179 -18.90 8.96 9.85
C SER A 179 -20.33 8.69 10.34
N GLN A 180 -21.29 8.58 9.43
CA GLN A 180 -22.65 8.24 9.84
C GLN A 180 -22.86 6.75 10.12
N CYS A 181 -21.91 5.89 9.82
CA CYS A 181 -22.12 4.45 10.01
C CYS A 181 -21.17 3.81 11.00
N GLU A 182 -19.90 4.18 10.99
CA GLU A 182 -18.91 3.65 11.91
C GLU A 182 -18.83 4.43 13.22
N GLU A 183 -19.50 5.57 13.31
CA GLU A 183 -19.46 6.47 14.47
C GLU A 183 -18.09 7.09 14.72
N TRP A 184 -17.18 7.05 13.75
CA TRP A 184 -15.99 7.88 13.86
C TRP A 184 -16.36 9.36 13.73
N SER A 185 -15.49 10.21 14.26
CA SER A 185 -15.62 11.63 13.98
C SER A 185 -15.44 11.88 12.50
N PHE A 186 -15.94 13.03 12.03
CA PHE A 186 -15.82 13.34 10.61
C PHE A 186 -14.37 13.45 10.17
N PHE A 187 -13.50 14.06 10.98
CA PHE A 187 -12.11 14.15 10.60
C PHE A 187 -11.47 12.77 10.47
N HIS A 188 -11.70 11.88 11.42
CA HIS A 188 -11.15 10.55 11.31
C HIS A 188 -11.75 9.77 10.14
N ALA A 189 -13.02 9.98 9.82
CA ALA A 189 -13.57 9.33 8.64
C ALA A 189 -12.95 9.87 7.36
N TYR A 190 -12.65 11.16 7.32
CA TYR A 190 -11.94 11.71 6.17
C TYR A 190 -10.51 11.19 6.08
N TYR A 191 -9.84 11.09 7.22
CA TYR A 191 -8.52 10.46 7.27
C TYR A 191 -8.56 9.03 6.74
N TYR A 192 -9.52 8.24 7.21
CA TYR A 192 -9.67 6.89 6.69
C TYR A 192 -9.92 6.85 5.18
N CYS A 193 -10.73 7.77 4.66
CA CYS A 193 -10.95 7.81 3.23
C CYS A 193 -9.68 8.15 2.46
N PHE A 194 -8.93 9.15 2.93
CA PHE A 194 -7.71 9.52 2.24
C PHE A 194 -6.68 8.40 2.29
N ILE A 195 -6.50 7.78 3.45
CA ILE A 195 -5.56 6.67 3.59
C ILE A 195 -6.02 5.43 2.82
N THR A 196 -7.30 5.28 2.53
CA THR A 196 -7.72 4.19 1.67
C THR A 196 -7.46 4.47 0.21
N LEU A 197 -7.99 5.59 -0.30
CA LEU A 197 -7.84 5.86 -1.73
C LEU A 197 -6.41 6.20 -2.13
N THR A 198 -5.56 6.60 -1.19
CA THR A 198 -4.15 6.73 -1.49
C THR A 198 -3.42 5.39 -1.52
N THR A 199 -4.09 4.31 -1.13
CA THR A 199 -3.54 2.96 -1.02
C THR A 199 -2.43 2.83 0.04
N ILE A 200 -2.30 3.78 0.96
CA ILE A 200 -1.37 3.55 2.06
C ILE A 200 -1.90 2.48 2.98
N GLY A 201 -3.14 2.63 3.45
CA GLY A 201 -3.80 1.61 4.23
C GLY A 201 -3.09 1.17 5.51
N PHE A 202 -2.94 2.08 6.47
CA PHE A 202 -2.32 1.69 7.73
C PHE A 202 -3.10 0.58 8.41
N GLY A 203 -4.43 0.68 8.41
CA GLY A 203 -5.22 -0.35 9.04
C GLY A 203 -5.45 -0.14 10.51
N ASP A 204 -5.20 1.08 11.00
CA ASP A 204 -5.65 1.45 12.34
C ASP A 204 -7.14 1.76 12.36
N TYR A 205 -7.66 2.34 11.29
CA TYR A 205 -9.09 2.39 11.01
C TYR A 205 -9.41 1.44 9.86
N VAL A 206 -10.44 0.62 10.05
CA VAL A 206 -10.91 -0.28 8.99
C VAL A 206 -12.42 -0.33 9.04
N ALA A 207 -13.05 -0.06 7.91
CA ALA A 207 -14.49 -0.10 7.71
C ALA A 207 -15.01 -1.53 7.72
N LEU A 208 -16.32 -1.66 7.95
CA LEU A 208 -17.02 -2.95 8.04
C LEU A 208 -16.69 -3.75 9.31
N GLN A 209 -15.53 -3.55 9.91
CA GLN A 209 -15.20 -4.34 11.08
C GLN A 209 -15.97 -3.83 12.29
N THR A 210 -17.29 -4.05 12.32
CA THR A 210 -18.07 -3.56 13.45
C THR A 210 -19.29 -4.44 13.72
N LYS A 211 -19.31 -5.03 14.91
CA LYS A 211 -20.33 -6.01 15.31
C LYS A 211 -20.79 -6.94 14.19
N GLY A 212 -19.86 -7.52 13.43
CA GLY A 212 -20.27 -8.41 12.36
C GLY A 212 -20.92 -7.76 11.17
N ALA A 213 -20.65 -6.48 10.91
CA ALA A 213 -21.28 -5.78 9.79
C ALA A 213 -21.03 -6.48 8.47
N LEU A 214 -19.92 -7.20 8.35
CA LEU A 214 -19.65 -8.05 7.18
C LEU A 214 -20.73 -9.10 6.94
N GLN A 215 -21.60 -9.36 7.90
CA GLN A 215 -22.67 -10.33 7.70
C GLN A 215 -24.07 -9.79 7.90
N LYS A 216 -24.26 -8.80 8.79
CA LYS A 216 -25.59 -8.30 9.12
C LYS A 216 -26.04 -7.14 8.23
N LYS A 217 -25.16 -6.49 7.49
CA LYS A 217 -25.48 -5.25 6.77
C LYS A 217 -24.94 -5.28 5.35
N PRO A 218 -25.35 -6.27 4.55
CA PRO A 218 -24.72 -6.45 3.23
C PRO A 218 -24.86 -5.26 2.28
N LEU A 219 -25.91 -4.45 2.41
CA LEU A 219 -25.98 -3.22 1.62
C LEU A 219 -24.83 -2.26 1.94
N TYR A 220 -24.36 -2.26 3.18
CA TYR A 220 -23.22 -1.41 3.54
C TYR A 220 -21.89 -2.03 3.16
N VAL A 221 -21.80 -3.35 3.15
CA VAL A 221 -20.65 -4.00 2.52
C VAL A 221 -20.56 -3.59 1.06
N ALA A 222 -21.68 -3.63 0.35
CA ALA A 222 -21.71 -3.23 -1.05
C ALA A 222 -21.26 -1.79 -1.24
N PHE A 223 -21.72 -0.88 -0.38
CA PHE A 223 -21.21 0.48 -0.48
C PHE A 223 -19.71 0.56 -0.29
N SER A 224 -19.16 -0.14 0.70
CA SER A 224 -17.72 -0.05 0.96
C SER A 224 -16.90 -0.53 -0.23
N PHE A 225 -17.31 -1.64 -0.84
CA PHE A 225 -16.56 -2.11 -2.01
C PHE A 225 -16.70 -1.17 -3.20
N MET A 226 -17.92 -0.69 -3.48
CA MET A 226 -18.05 0.25 -4.58
C MET A 226 -17.30 1.55 -4.31
N TYR A 227 -17.24 1.99 -3.05
CA TYR A 227 -16.50 3.20 -2.75
C TYR A 227 -15.01 3.03 -3.01
N ILE A 228 -14.45 1.86 -2.69
CA ILE A 228 -13.05 1.64 -3.01
C ILE A 228 -12.83 1.65 -4.52
N LEU A 229 -13.60 0.86 -5.25
CA LEU A 229 -13.35 0.71 -6.68
C LEU A 229 -13.69 1.97 -7.47
N VAL A 230 -14.64 2.78 -7.02
CA VAL A 230 -14.87 4.09 -7.66
C VAL A 230 -13.83 5.13 -7.24
N GLY A 231 -13.52 5.20 -5.95
CA GLY A 231 -12.57 6.22 -5.50
C GLY A 231 -11.20 6.05 -6.10
N LEU A 232 -10.71 4.81 -6.17
CA LEU A 232 -9.44 4.58 -6.85
C LEU A 232 -9.50 4.95 -8.31
N THR A 233 -10.66 4.79 -8.96
CA THR A 233 -10.79 5.23 -10.34
C THR A 233 -10.61 6.74 -10.46
N VAL A 234 -11.19 7.51 -9.55
CA VAL A 234 -11.06 8.95 -9.63
C VAL A 234 -9.63 9.39 -9.34
N ILE A 235 -8.99 8.82 -8.32
CA ILE A 235 -7.60 9.14 -8.04
C ILE A 235 -6.69 8.71 -9.19
N GLY A 236 -6.96 7.54 -9.76
CA GLY A 236 -6.21 7.12 -10.94
C GLY A 236 -6.33 8.07 -12.10
N ALA A 237 -7.55 8.55 -12.36
CA ALA A 237 -7.74 9.53 -13.42
C ALA A 237 -7.00 10.83 -13.14
N PHE A 238 -6.91 11.23 -11.87
CA PHE A 238 -6.16 12.44 -11.55
C PHE A 238 -4.65 12.25 -11.76
N LEU A 239 -4.09 11.14 -11.30
CA LEU A 239 -2.69 10.86 -11.61
C LEU A 239 -2.47 10.73 -13.11
N ASN A 240 -3.43 10.14 -13.83
CA ASN A 240 -3.29 10.02 -15.27
C ASN A 240 -3.22 11.38 -15.94
N LEU A 241 -3.95 12.36 -15.42
CA LEU A 241 -3.90 13.69 -15.99
C LEU A 241 -2.61 14.43 -15.63
N VAL A 242 -2.28 14.47 -14.34
CA VAL A 242 -1.22 15.37 -13.87
C VAL A 242 0.17 14.74 -13.94
N VAL A 243 0.32 13.51 -13.48
CA VAL A 243 1.65 12.94 -13.27
C VAL A 243 2.16 12.11 -14.45
N LEU A 244 1.29 11.36 -15.12
CA LEU A 244 1.76 10.29 -16.00
C LEU A 244 2.70 10.76 -17.10
N ARG A 245 2.56 11.99 -17.59
CA ARG A 245 3.51 12.50 -18.58
C ARG A 245 4.95 12.45 -18.11
N PHE A 246 5.19 12.66 -16.81
CA PHE A 246 6.56 12.66 -16.30
C PHE A 246 7.19 11.27 -16.22
N LEU A 247 6.39 10.22 -16.19
CA LEU A 247 6.96 8.88 -16.17
C LEU A 247 7.59 8.54 -17.50
N THR A 248 6.96 8.95 -18.59
CA THR A 248 7.40 8.61 -19.94
C THR A 248 8.40 9.61 -20.52
N MET A 249 8.33 10.90 -20.17
CA MET A 249 9.17 11.86 -20.87
C MET A 249 10.67 11.60 -20.70
N ASN A 250 11.08 10.87 -19.68
CA ASN A 250 12.49 10.49 -19.60
C ASN A 250 12.88 9.55 -20.74
N SER A 251 12.02 8.60 -21.07
CA SER A 251 12.26 7.73 -22.22
C SER A 251 12.12 8.49 -23.54
N GLU A 252 11.16 9.41 -23.63
CA GLU A 252 11.06 10.25 -24.80
C GLU A 252 12.31 11.09 -25.01
N ASP A 253 12.89 11.63 -23.93
CA ASP A 253 14.16 12.35 -24.04
C ASP A 253 15.29 11.44 -24.48
N GLU A 254 15.32 10.20 -24.01
CA GLU A 254 16.35 9.27 -24.47
C GLU A 254 16.19 8.93 -25.95
N ARG A 255 14.96 8.72 -26.40
CA ARG A 255 14.70 8.52 -27.82
C ARG A 255 15.13 9.71 -28.66
N ARG A 256 14.86 10.93 -28.19
CA ARG A 256 15.33 12.12 -28.88
C ARG A 256 16.86 12.19 -28.93
N ASP A 257 17.52 11.82 -27.83
CA ASP A 257 18.98 11.77 -27.82
C ASP A 257 19.52 10.75 -28.83
N ALA A 258 18.84 9.61 -28.96
CA ALA A 258 19.24 8.64 -29.97
C ALA A 258 18.99 9.15 -31.39
N GLU A 259 17.85 9.80 -31.61
CA GLU A 259 17.56 10.35 -32.94
C GLU A 259 18.51 11.48 -33.32
N ALA A 260 19.05 12.19 -32.33
CA ALA A 260 20.06 13.22 -32.61
C ALA A 260 21.42 12.64 -32.97
N GLU A 261 21.62 11.34 -32.80
CA GLU A 261 22.91 10.73 -33.12
C GLU A 261 23.17 10.76 -34.62
N MET B 1 -12.78 3.34 -32.97
CA MET B 1 -13.65 3.89 -31.93
C MET B 1 -13.85 2.89 -30.79
N LYS B 2 -14.48 1.75 -31.10
CA LYS B 2 -14.91 0.84 -30.06
C LYS B 2 -13.76 0.16 -29.33
N ARG B 3 -12.57 0.11 -29.94
CA ARG B 3 -11.50 -0.71 -29.39
C ARG B 3 -11.14 -0.28 -27.96
N GLN B 4 -11.09 1.03 -27.73
CA GLN B 4 -10.85 1.53 -26.38
C GLN B 4 -11.93 1.07 -25.40
N ASN B 5 -13.18 1.04 -25.85
CA ASN B 5 -14.23 0.62 -24.94
C ASN B 5 -14.21 -0.88 -24.71
N VAL B 6 -14.02 -1.67 -25.75
CA VAL B 6 -14.05 -3.12 -25.55
C VAL B 6 -12.88 -3.57 -24.67
N ARG B 7 -11.71 -2.93 -24.80
CA ARG B 7 -10.63 -3.26 -23.87
C ARG B 7 -10.89 -2.76 -22.45
N THR B 8 -11.60 -1.64 -22.28
CA THR B 8 -11.96 -1.21 -20.94
C THR B 8 -12.93 -2.19 -20.29
N LEU B 9 -14.00 -2.56 -20.99
CA LEU B 9 -14.98 -3.48 -20.44
C LEU B 9 -14.38 -4.86 -20.18
N SER B 10 -13.54 -5.34 -21.09
CA SER B 10 -12.91 -6.63 -20.85
C SER B 10 -11.96 -6.59 -19.66
N LEU B 11 -11.29 -5.45 -19.42
CA LEU B 11 -10.50 -5.32 -18.20
C LEU B 11 -11.37 -5.33 -16.94
N ILE B 12 -12.52 -4.65 -16.97
CA ILE B 12 -13.39 -4.65 -15.80
C ILE B 12 -13.92 -6.05 -15.50
N VAL B 13 -14.47 -6.72 -16.51
CA VAL B 13 -15.00 -8.06 -16.32
C VAL B 13 -13.90 -9.03 -15.89
N CYS B 14 -12.71 -8.90 -16.44
CA CYS B 14 -11.59 -9.71 -15.98
C CYS B 14 -11.27 -9.44 -14.51
N THR B 15 -11.29 -8.17 -14.09
CA THR B 15 -10.98 -7.86 -12.69
C THR B 15 -12.01 -8.46 -11.73
N PHE B 16 -13.30 -8.25 -12.00
CA PHE B 16 -14.31 -8.81 -11.09
C PHE B 16 -14.32 -10.34 -11.07
N THR B 17 -14.13 -10.99 -12.22
CA THR B 17 -14.02 -12.44 -12.16
C THR B 17 -12.75 -12.89 -11.45
N TYR B 18 -11.68 -12.10 -11.53
CA TYR B 18 -10.48 -12.42 -10.78
C TYR B 18 -10.65 -12.22 -9.28
N LEU B 19 -11.48 -11.26 -8.87
CA LEU B 19 -11.83 -11.17 -7.46
C LEU B 19 -12.63 -12.37 -6.98
N LEU B 20 -13.60 -12.82 -7.77
CA LEU B 20 -14.36 -14.00 -7.36
C LEU B 20 -13.47 -15.24 -7.25
N VAL B 21 -12.59 -15.45 -8.23
CA VAL B 21 -11.64 -16.56 -8.14
C VAL B 21 -10.75 -16.40 -6.92
N GLY B 22 -10.42 -15.18 -6.54
CA GLY B 22 -9.69 -14.98 -5.30
C GLY B 22 -10.45 -15.33 -4.05
N ALA B 23 -11.60 -14.70 -3.87
CA ALA B 23 -12.37 -14.85 -2.64
C ALA B 23 -12.76 -16.30 -2.36
N ALA B 24 -13.24 -17.02 -3.36
CA ALA B 24 -13.63 -18.42 -3.11
C ALA B 24 -12.44 -19.31 -2.78
N VAL B 25 -11.24 -18.91 -3.20
CA VAL B 25 -10.06 -19.69 -2.84
C VAL B 25 -9.57 -19.35 -1.44
N PHE B 26 -9.60 -18.08 -1.03
CA PHE B 26 -9.22 -17.79 0.35
C PHE B 26 -10.18 -18.39 1.36
N ASP B 27 -11.48 -18.44 1.04
CA ASP B 27 -12.40 -19.24 1.86
C ASP B 27 -11.96 -20.68 1.95
N ALA B 28 -11.64 -21.30 0.80
CA ALA B 28 -11.28 -22.70 0.82
C ALA B 28 -9.98 -22.94 1.58
N LEU B 29 -9.04 -22.01 1.47
CA LEU B 29 -7.74 -22.20 2.12
C LEU B 29 -7.78 -22.05 3.63
N GLU B 30 -8.65 -21.19 4.19
CA GLU B 30 -8.48 -20.96 5.61
C GLU B 30 -9.71 -20.58 6.43
N SER B 31 -10.94 -20.76 5.93
CA SER B 31 -12.07 -20.59 6.82
C SER B 31 -12.00 -21.55 8.00
N ASP B 32 -11.61 -22.80 7.74
CA ASP B 32 -11.48 -23.77 8.83
C ASP B 32 -10.33 -23.42 9.79
N HIS B 33 -9.24 -22.85 9.28
CA HIS B 33 -8.15 -22.49 10.18
C HIS B 33 -8.58 -21.39 11.15
N GLU B 34 -9.33 -20.40 10.65
CA GLU B 34 -9.91 -19.42 11.56
C GLU B 34 -10.85 -20.08 12.55
N MET B 35 -11.65 -21.05 12.10
CA MET B 35 -12.60 -21.70 13.00
C MET B 35 -11.90 -22.46 14.12
N ARG B 36 -10.77 -23.10 13.84
CA ARG B 36 -9.97 -23.70 14.91
C ARG B 36 -9.36 -22.65 15.83
N GLU B 37 -8.78 -21.60 15.27
CA GLU B 37 -8.10 -20.60 16.09
C GLU B 37 -9.05 -19.89 17.04
N GLU B 38 -10.22 -19.49 16.55
CA GLU B 38 -11.21 -18.86 17.41
C GLU B 38 -11.58 -19.73 18.62
N GLU B 39 -11.86 -21.01 18.40
CA GLU B 39 -12.21 -21.89 19.51
C GLU B 39 -11.07 -22.05 20.51
N LYS B 40 -9.84 -22.19 20.01
CA LYS B 40 -8.69 -22.35 20.91
C LYS B 40 -8.44 -21.09 21.73
N LEU B 41 -8.52 -19.92 21.09
CA LEU B 41 -8.32 -18.67 21.83
C LEU B 41 -9.45 -18.43 22.82
N LYS B 42 -10.68 -18.78 22.47
CA LYS B 42 -11.79 -18.65 23.41
C LYS B 42 -11.59 -19.51 24.64
N ALA B 43 -11.15 -20.76 24.47
CA ALA B 43 -10.85 -21.60 25.62
C ALA B 43 -9.74 -21.04 26.50
N GLU B 44 -8.65 -20.54 25.89
CA GLU B 44 -7.58 -19.96 26.69
C GLU B 44 -8.05 -18.72 27.44
N GLU B 45 -8.89 -17.90 26.83
CA GLU B 45 -9.48 -16.77 27.51
C GLU B 45 -10.32 -17.22 28.70
N ILE B 46 -11.23 -18.17 28.47
CA ILE B 46 -12.16 -18.56 29.53
C ILE B 46 -11.40 -19.10 30.73
N ARG B 47 -10.41 -19.96 30.49
CA ARG B 47 -9.67 -20.54 31.61
C ARG B 47 -8.87 -19.49 32.39
N ILE B 48 -8.26 -18.51 31.71
CA ILE B 48 -7.50 -17.52 32.45
C ILE B 48 -8.41 -16.54 33.16
N LYS B 49 -9.44 -16.05 32.48
CA LYS B 49 -10.41 -15.14 33.10
C LYS B 49 -11.04 -15.76 34.32
N GLY B 50 -11.38 -17.04 34.26
CA GLY B 50 -11.97 -17.72 35.42
C GLY B 50 -10.97 -17.92 36.55
N LYS B 51 -9.76 -18.38 36.21
CA LYS B 51 -8.79 -18.70 37.26
C LYS B 51 -8.44 -17.49 38.12
N TYR B 52 -8.44 -16.29 37.55
CA TYR B 52 -8.21 -15.08 38.33
C TYR B 52 -9.48 -14.30 38.63
N ASN B 53 -10.66 -14.82 38.28
CA ASN B 53 -11.94 -14.17 38.56
C ASN B 53 -11.96 -12.71 38.09
N ILE B 54 -11.47 -12.48 36.87
CA ILE B 54 -11.32 -11.12 36.36
C ILE B 54 -12.69 -10.54 36.05
N SER B 55 -12.96 -9.34 36.58
CA SER B 55 -14.21 -8.67 36.31
C SER B 55 -14.27 -8.17 34.87
N SER B 56 -15.48 -8.14 34.32
CA SER B 56 -15.67 -7.83 32.91
C SER B 56 -15.15 -6.45 32.55
N GLU B 57 -15.40 -5.45 33.40
CA GLU B 57 -14.85 -4.12 33.15
C GLU B 57 -13.33 -4.09 33.29
N ASP B 58 -12.79 -4.86 34.23
CA ASP B 58 -11.35 -4.97 34.35
C ASP B 58 -10.74 -5.66 33.15
N TYR B 59 -11.37 -6.73 32.66
CA TYR B 59 -10.87 -7.39 31.46
C TYR B 59 -10.97 -6.50 30.23
N ARG B 60 -12.07 -5.78 30.05
CA ARG B 60 -12.19 -4.83 28.95
C ARG B 60 -11.10 -3.77 28.99
N GLN B 61 -10.87 -3.17 30.15
CA GLN B 61 -9.82 -2.16 30.26
C GLN B 61 -8.44 -2.75 30.01
N LEU B 62 -8.16 -3.94 30.56
CA LEU B 62 -6.89 -4.60 30.29
C LEU B 62 -6.72 -4.90 28.80
N GLU B 63 -7.79 -5.31 28.13
CA GLU B 63 -7.72 -5.53 26.68
C GLU B 63 -7.33 -4.27 25.93
N LEU B 64 -7.96 -3.14 26.24
CA LEU B 64 -7.56 -1.88 25.61
C LEU B 64 -6.12 -1.51 25.94
N VAL B 65 -5.71 -1.71 27.18
CA VAL B 65 -4.33 -1.41 27.58
C VAL B 65 -3.33 -2.25 26.80
N ILE B 66 -3.61 -3.54 26.65
CA ILE B 66 -2.72 -4.41 25.88
C ILE B 66 -2.66 -3.97 24.41
N LEU B 67 -3.82 -3.77 23.80
CA LEU B 67 -3.85 -3.42 22.37
C LEU B 67 -3.12 -2.11 22.10
N GLN B 68 -3.25 -1.13 22.99
CA GLN B 68 -2.52 0.12 22.80
C GLN B 68 -1.05 0.03 23.21
N SER B 69 -0.68 -0.94 24.05
CA SER B 69 0.73 -1.11 24.39
C SER B 69 1.52 -1.88 23.34
N GLU B 70 0.85 -2.69 22.53
CA GLU B 70 1.54 -3.42 21.47
C GLU B 70 2.48 -2.57 20.61
N PRO B 71 2.10 -1.36 20.17
CA PRO B 71 3.05 -0.54 19.40
C PRO B 71 4.19 0.05 20.22
N HIS B 72 4.13 0.01 21.56
CA HIS B 72 5.20 0.57 22.38
C HIS B 72 6.17 -0.48 22.90
N ARG B 73 5.71 -1.71 23.12
CA ARG B 73 6.57 -2.75 23.66
C ARG B 73 7.72 -3.10 22.72
N ALA B 74 7.60 -2.74 21.44
CA ALA B 74 8.67 -2.95 20.47
C ALA B 74 9.77 -1.91 20.55
N GLY B 75 9.64 -0.91 21.41
CA GLY B 75 10.60 0.18 21.49
C GLY B 75 10.05 1.48 20.93
N VAL B 76 10.63 2.58 21.41
CA VAL B 76 10.08 3.89 21.11
C VAL B 76 10.11 4.13 19.61
N GLN B 77 8.96 4.50 19.06
CA GLN B 77 8.80 4.67 17.62
C GLN B 77 9.24 6.06 17.16
N TRP B 78 8.74 7.09 17.83
CA TRP B 78 8.84 8.46 17.32
C TRP B 78 10.12 9.14 17.81
N LYS B 79 11.23 8.60 17.34
CA LYS B 79 12.53 9.23 17.42
C LYS B 79 13.13 9.10 16.03
N PHE B 80 14.17 9.89 15.74
CA PHE B 80 14.55 10.15 14.36
C PHE B 80 14.62 8.88 13.53
N ALA B 81 15.21 7.82 14.07
CA ALA B 81 15.29 6.57 13.32
C ALA B 81 13.89 6.05 12.97
N GLY B 82 12.99 6.04 13.95
CA GLY B 82 11.64 5.57 13.68
C GLY B 82 10.79 6.53 12.87
N SER B 83 11.00 7.84 13.03
CA SER B 83 10.30 8.78 12.16
C SER B 83 10.77 8.70 10.72
N PHE B 84 12.04 8.36 10.50
CA PHE B 84 12.50 8.14 9.14
C PHE B 84 11.95 6.84 8.57
N TYR B 85 11.87 5.79 9.40
CA TYR B 85 11.25 4.56 8.94
C TYR B 85 9.78 4.77 8.59
N PHE B 86 9.06 5.51 9.43
CA PHE B 86 7.68 5.85 9.11
C PHE B 86 7.55 6.67 7.83
N ALA B 87 8.39 7.70 7.67
CA ALA B 87 8.31 8.50 6.45
C ALA B 87 8.54 7.66 5.20
N ILE B 88 9.49 6.73 5.24
CA ILE B 88 9.64 5.77 4.14
C ILE B 88 8.35 5.02 3.90
N THR B 89 7.74 4.49 4.97
CA THR B 89 6.53 3.70 4.79
C THR B 89 5.31 4.51 4.36
N VAL B 90 5.33 5.82 4.52
CA VAL B 90 4.26 6.65 3.94
C VAL B 90 4.51 6.93 2.46
N ILE B 91 5.63 7.59 2.13
CA ILE B 91 5.75 8.07 0.75
C ILE B 91 5.89 6.92 -0.24
N THR B 92 6.47 5.80 0.15
CA THR B 92 6.47 4.65 -0.76
C THR B 92 5.15 3.90 -0.73
N THR B 93 4.21 4.30 0.12
CA THR B 93 2.90 3.69 0.30
C THR B 93 2.96 2.26 0.84
N ILE B 94 4.06 1.83 1.45
CA ILE B 94 4.04 0.54 2.13
C ILE B 94 2.96 0.55 3.20
N GLY B 95 2.99 1.55 4.07
CA GLY B 95 2.02 1.69 5.12
C GLY B 95 1.84 0.54 6.08
N TYR B 96 2.92 0.08 6.72
CA TYR B 96 2.77 -1.03 7.65
C TYR B 96 1.77 -0.73 8.74
N GLY B 97 1.81 0.47 9.30
CA GLY B 97 0.91 0.79 10.38
C GLY B 97 1.30 0.17 11.70
N HIS B 98 2.58 -0.20 11.85
CA HIS B 98 3.10 -0.56 13.16
C HIS B 98 3.01 0.61 14.12
N ALA B 99 3.18 1.83 13.61
CA ALA B 99 2.84 3.05 14.31
C ALA B 99 2.03 3.92 13.37
N ALA B 100 1.16 4.73 13.94
CA ALA B 100 0.36 5.64 13.15
C ALA B 100 0.11 6.90 13.96
N PRO B 101 -0.06 8.04 13.30
CA PRO B 101 -0.10 9.32 14.01
C PRO B 101 -1.15 9.40 15.10
N GLY B 102 -0.71 9.67 16.32
CA GLY B 102 -1.60 9.71 17.46
C GLY B 102 -2.44 10.97 17.49
N THR B 103 -1.79 12.13 17.48
CA THR B 103 -2.50 13.39 17.55
C THR B 103 -3.16 13.72 16.23
N ASP B 104 -4.24 14.50 16.29
CA ASP B 104 -4.90 14.95 15.08
C ASP B 104 -4.00 15.83 14.22
N ALA B 105 -3.06 16.55 14.85
CA ALA B 105 -2.06 17.28 14.07
C ALA B 105 -1.16 16.33 13.29
N GLY B 106 -0.78 15.22 13.90
CA GLY B 106 -0.01 14.23 13.17
C GLY B 106 -0.74 13.64 11.97
N LYS B 107 -2.01 13.27 12.17
CA LYS B 107 -2.83 12.81 11.05
C LYS B 107 -2.94 13.86 9.94
N ALA B 108 -3.21 15.12 10.29
CA ALA B 108 -3.34 16.15 9.28
C ALA B 108 -2.05 16.36 8.51
N PHE B 109 -0.92 16.42 9.21
CA PHE B 109 0.34 16.54 8.49
C PHE B 109 0.61 15.32 7.64
N CYS B 110 0.27 14.12 8.12
CA CYS B 110 0.49 12.92 7.33
C CYS B 110 -0.26 12.98 6.00
N MET B 111 -1.46 13.55 6.00
CA MET B 111 -2.19 13.69 4.75
C MET B 111 -1.51 14.67 3.80
N PHE B 112 -1.16 15.86 4.29
CA PHE B 112 -0.45 16.80 3.42
C PHE B 112 0.91 16.27 2.98
N TYR B 113 1.56 15.48 3.82
CA TYR B 113 2.85 14.90 3.45
C TYR B 113 2.72 13.84 2.37
N ALA B 114 1.70 12.99 2.44
CA ALA B 114 1.51 11.99 1.41
C ALA B 114 1.13 12.60 0.08
N VAL B 115 0.28 13.63 0.08
CA VAL B 115 -0.19 14.25 -1.16
C VAL B 115 0.97 14.66 -2.06
N LEU B 116 1.98 15.31 -1.50
CA LEU B 116 3.15 15.66 -2.31
C LEU B 116 4.17 14.53 -2.40
N GLY B 117 4.33 13.73 -1.35
CA GLY B 117 5.40 12.75 -1.36
C GLY B 117 5.23 11.65 -2.38
N ILE B 118 3.99 11.22 -2.64
CA ILE B 118 3.79 10.04 -3.49
C ILE B 118 4.03 10.31 -4.97
N PRO B 119 3.47 11.36 -5.58
CA PRO B 119 3.89 11.69 -6.95
C PRO B 119 5.40 11.83 -7.12
N LEU B 120 6.07 12.50 -6.19
CA LEU B 120 7.52 12.61 -6.24
C LEU B 120 8.19 11.23 -6.23
N THR B 121 7.69 10.32 -5.38
CA THR B 121 8.32 9.01 -5.28
C THR B 121 8.06 8.16 -6.52
N LEU B 122 6.85 8.22 -7.09
CA LEU B 122 6.60 7.52 -8.35
C LEU B 122 7.55 8.00 -9.44
N VAL B 123 7.66 9.31 -9.61
CA VAL B 123 8.53 9.82 -10.66
C VAL B 123 9.99 9.47 -10.40
N MET B 124 10.40 9.42 -9.13
CA MET B 124 11.78 9.02 -8.84
C MET B 124 12.03 7.56 -9.19
N PHE B 125 11.22 6.64 -8.68
CA PHE B 125 11.47 5.24 -8.98
C PHE B 125 11.26 4.87 -10.44
N GLN B 126 10.32 5.50 -11.13
CA GLN B 126 10.20 5.22 -12.56
C GLN B 126 11.34 5.78 -13.38
N SER B 127 11.87 6.96 -13.02
CA SER B 127 13.05 7.47 -13.70
C SER B 127 14.26 6.60 -13.44
N LEU B 128 14.50 6.28 -12.18
CA LEU B 128 15.66 5.44 -11.85
C LEU B 128 15.51 4.03 -12.40
N GLY B 129 14.29 3.52 -12.53
CA GLY B 129 14.10 2.26 -13.21
C GLY B 129 14.40 2.32 -14.69
N GLU B 130 14.02 3.41 -15.35
CA GLU B 130 14.38 3.55 -16.77
C GLU B 130 15.89 3.66 -16.96
N ARG B 131 16.58 4.30 -16.02
CA ARG B 131 18.04 4.28 -16.05
C ARG B 131 18.60 2.87 -15.87
N MET B 132 18.06 2.11 -14.93
CA MET B 132 18.52 0.73 -14.75
C MET B 132 18.32 -0.11 -16.00
N ASN B 133 17.14 -0.05 -16.61
CA ASN B 133 16.93 -0.82 -17.83
C ASN B 133 17.85 -0.38 -18.96
N THR B 134 18.14 0.92 -19.08
CA THR B 134 19.08 1.33 -20.12
C THR B 134 20.47 0.79 -19.86
N PHE B 135 20.94 0.88 -18.61
CA PHE B 135 22.25 0.33 -18.26
C PHE B 135 22.33 -1.17 -18.48
N VAL B 136 21.30 -1.91 -18.08
CA VAL B 136 21.27 -3.35 -18.31
C VAL B 136 21.32 -3.66 -19.79
N ARG B 137 20.59 -2.89 -20.61
CA ARG B 137 20.63 -3.11 -22.05
C ARG B 137 22.03 -2.91 -22.61
N TYR B 138 22.72 -1.85 -22.18
CA TYR B 138 24.10 -1.64 -22.59
C TYR B 138 25.00 -2.79 -22.18
N LEU B 139 25.01 -3.12 -20.89
CA LEU B 139 25.91 -4.17 -20.40
C LEU B 139 25.61 -5.53 -21.02
N LEU B 140 24.34 -5.82 -21.29
CA LEU B 140 24.00 -7.09 -21.93
C LEU B 140 24.43 -7.14 -23.39
N LYS B 141 24.28 -6.04 -24.12
CA LYS B 141 24.77 -6.01 -25.50
C LYS B 141 26.29 -6.13 -25.57
N ARG B 142 26.99 -5.43 -24.67
CA ARG B 142 28.43 -5.60 -24.57
C ARG B 142 28.81 -7.02 -24.18
N ILE B 143 28.06 -7.64 -23.27
CA ILE B 143 28.30 -9.04 -22.91
C ILE B 143 28.16 -9.95 -24.12
N LYS B 144 27.18 -9.69 -24.99
CA LYS B 144 27.06 -10.47 -26.22
C LYS B 144 28.24 -10.23 -27.16
N LYS B 145 28.74 -9.00 -27.24
CA LYS B 145 29.95 -8.75 -28.01
C LYS B 145 31.15 -9.51 -27.43
N CYS B 146 31.33 -9.43 -26.11
CA CYS B 146 32.44 -10.15 -25.47
C CYS B 146 32.32 -11.65 -25.66
N CYS B 147 31.12 -12.19 -25.58
CA CYS B 147 30.92 -13.62 -25.81
C CYS B 147 31.00 -14.01 -27.28
N GLY B 148 31.18 -13.04 -28.18
CA GLY B 148 31.29 -13.37 -29.59
C GLY B 148 30.01 -13.86 -30.23
N MET B 149 28.86 -13.39 -29.73
CA MET B 149 27.58 -13.84 -30.26
C MET B 149 27.45 -13.49 -31.73
N ARG B 150 26.70 -14.33 -32.46
CA ARG B 150 26.52 -14.14 -33.89
C ARG B 150 25.82 -12.84 -34.24
N ASN B 151 25.07 -12.27 -33.30
CA ASN B 151 24.54 -10.91 -33.46
C ASN B 151 24.46 -10.23 -32.11
N THR B 152 24.42 -8.90 -32.15
CA THR B 152 24.38 -8.08 -30.94
C THR B 152 22.99 -7.58 -30.62
N ASP B 153 21.95 -8.20 -31.18
CA ASP B 153 20.59 -7.83 -30.82
C ASP B 153 20.33 -8.13 -29.36
N VAL B 154 19.50 -7.29 -28.74
CA VAL B 154 19.12 -7.45 -27.33
C VAL B 154 17.60 -7.38 -27.27
N SER B 155 16.95 -8.53 -27.46
CA SER B 155 15.52 -8.57 -27.65
C SER B 155 14.78 -8.36 -26.33
N MET B 156 13.47 -8.12 -26.46
CA MET B 156 12.60 -7.98 -25.30
C MET B 156 12.68 -9.20 -24.38
N GLU B 157 12.71 -10.41 -24.94
CA GLU B 157 12.80 -11.61 -24.12
C GLU B 157 14.08 -11.66 -23.28
N ASN B 158 15.18 -11.12 -23.79
CA ASN B 158 16.40 -11.09 -22.98
C ASN B 158 16.27 -10.12 -21.82
N MET B 159 15.73 -8.94 -22.08
CA MET B 159 15.52 -7.96 -21.01
C MET B 159 14.54 -8.49 -19.97
N VAL B 160 13.43 -9.07 -20.41
CA VAL B 160 12.45 -9.60 -19.46
C VAL B 160 13.05 -10.73 -18.63
N THR B 161 13.93 -11.54 -19.23
CA THR B 161 14.61 -12.57 -18.45
C THR B 161 15.48 -11.96 -17.35
N VAL B 162 16.31 -10.99 -17.70
CA VAL B 162 17.17 -10.38 -16.68
C VAL B 162 16.35 -9.63 -15.64
N GLY B 163 15.28 -8.95 -16.05
CA GLY B 163 14.42 -8.28 -15.10
C GLY B 163 13.77 -9.22 -14.11
N PHE B 164 13.21 -10.32 -14.61
CA PHE B 164 12.56 -11.29 -13.73
C PHE B 164 13.53 -11.91 -12.75
N PHE B 165 14.69 -12.36 -13.24
CA PHE B 165 15.66 -12.92 -12.29
C PHE B 165 16.29 -11.86 -11.39
N SER B 166 16.25 -10.59 -11.76
CA SER B 166 16.61 -9.54 -10.81
C SER B 166 15.59 -9.43 -9.68
N CYS B 167 14.31 -9.53 -10.00
CA CYS B 167 13.29 -9.53 -8.95
C CYS B 167 13.42 -10.74 -8.04
N MET B 168 13.52 -11.93 -8.63
CA MET B 168 13.70 -13.14 -7.84
C MET B 168 14.97 -13.08 -7.00
N GLY B 169 16.04 -12.52 -7.54
CA GLY B 169 17.27 -12.40 -6.78
C GLY B 169 17.15 -11.45 -5.61
N THR B 170 16.59 -10.25 -5.84
CA THR B 170 16.51 -9.30 -4.74
C THR B 170 15.56 -9.77 -3.64
N LEU B 171 14.51 -10.54 -3.99
CA LEU B 171 13.69 -11.15 -2.95
C LEU B 171 14.45 -12.22 -2.17
N CYS B 172 15.21 -13.08 -2.84
CA CYS B 172 15.97 -14.08 -2.11
C CYS B 172 17.07 -13.47 -1.24
N ILE B 173 17.76 -12.45 -1.73
CA ILE B 173 18.75 -11.77 -0.90
C ILE B 173 18.11 -11.09 0.31
N GLY B 174 16.91 -10.54 0.13
CA GLY B 174 16.19 -10.04 1.28
C GLY B 174 15.84 -11.11 2.29
N ALA B 175 15.25 -12.21 1.82
CA ALA B 175 14.86 -13.29 2.72
C ALA B 175 16.05 -13.87 3.46
N ALA B 176 17.17 -14.07 2.77
CA ALA B 176 18.38 -14.57 3.41
C ALA B 176 18.95 -13.57 4.41
N ALA B 177 18.74 -12.27 4.18
CA ALA B 177 19.23 -11.29 5.15
C ALA B 177 18.34 -11.23 6.38
N PHE B 178 17.03 -11.10 6.19
CA PHE B 178 16.13 -10.95 7.33
C PHE B 178 16.01 -12.20 8.16
N SER B 179 15.98 -13.38 7.53
CA SER B 179 15.88 -14.61 8.32
C SER B 179 17.06 -14.79 9.27
N GLN B 180 18.23 -14.28 8.91
CA GLN B 180 19.37 -14.35 9.82
C GLN B 180 19.36 -13.30 10.92
N CYS B 181 18.46 -12.33 10.88
CA CYS B 181 18.47 -11.27 11.89
C CYS B 181 17.21 -11.20 12.73
N GLU B 182 16.04 -11.38 12.14
CA GLU B 182 14.77 -11.35 12.86
C GLU B 182 14.38 -12.71 13.42
N GLU B 183 15.10 -13.78 13.06
CA GLU B 183 14.79 -15.15 13.45
C GLU B 183 13.47 -15.68 12.90
N TRP B 184 12.90 -15.03 11.89
CA TRP B 184 11.81 -15.67 11.17
C TRP B 184 12.34 -16.85 10.36
N SER B 185 11.44 -17.78 10.04
CA SER B 185 11.77 -18.81 9.07
C SER B 185 12.06 -18.17 7.73
N PHE B 186 12.79 -18.91 6.88
CA PHE B 186 13.12 -18.37 5.57
C PHE B 186 11.89 -18.08 4.74
N PHE B 187 10.88 -18.96 4.78
CA PHE B 187 9.67 -18.69 4.01
C PHE B 187 8.96 -17.43 4.48
N HIS B 188 8.84 -17.24 5.79
CA HIS B 188 8.21 -16.01 6.28
C HIS B 188 9.05 -14.78 5.97
N ALA B 189 10.38 -14.89 5.99
CA ALA B 189 11.19 -13.76 5.59
C ALA B 189 11.02 -13.45 4.11
N TYR B 190 10.89 -14.47 3.27
CA TYR B 190 10.60 -14.21 1.86
C TYR B 190 9.22 -13.60 1.66
N TYR B 191 8.23 -14.09 2.40
CA TYR B 191 6.91 -13.47 2.40
C TYR B 191 6.97 -12.00 2.79
N TYR B 192 7.67 -11.68 3.88
CA TYR B 192 7.84 -10.29 4.26
C TYR B 192 8.53 -9.45 3.18
N CYS B 193 9.53 -10.01 2.51
CA CYS B 193 10.17 -9.26 1.44
C CYS B 193 9.22 -9.01 0.28
N PHE B 194 8.47 -10.02 -0.13
CA PHE B 194 7.54 -9.84 -1.23
C PHE B 194 6.45 -8.84 -0.88
N ILE B 195 5.87 -8.95 0.31
CA ILE B 195 4.84 -8.02 0.76
C ILE B 195 5.38 -6.61 0.98
N THR B 196 6.68 -6.45 1.21
CA THR B 196 7.23 -5.10 1.28
C THR B 196 7.45 -4.51 -0.10
N LEU B 197 8.20 -5.20 -0.95
CA LEU B 197 8.50 -4.63 -2.26
C LEU B 197 7.29 -4.54 -3.18
N THR B 198 6.25 -5.32 -2.93
CA THR B 198 5.00 -5.13 -3.65
C THR B 198 4.20 -3.94 -3.15
N THR B 199 4.62 -3.32 -2.05
CA THR B 199 3.94 -2.22 -1.39
C THR B 199 2.57 -2.59 -0.82
N ILE B 200 2.25 -3.87 -0.66
CA ILE B 200 1.02 -4.21 0.04
C ILE B 200 1.16 -3.88 1.52
N GLY B 201 2.19 -4.39 2.16
CA GLY B 201 2.49 -4.02 3.53
C GLY B 201 1.42 -4.30 4.56
N PHE B 202 1.06 -5.58 4.76
CA PHE B 202 0.06 -5.88 5.77
C PHE B 202 0.51 -5.42 7.14
N GLY B 203 1.77 -5.62 7.48
CA GLY B 203 2.26 -5.19 8.78
C GLY B 203 2.05 -6.20 9.87
N ASP B 204 1.78 -7.46 9.51
CA ASP B 204 1.85 -8.55 10.48
C ASP B 204 3.29 -8.95 10.77
N TYR B 205 4.15 -8.89 9.77
CA TYR B 205 5.60 -8.91 9.94
C TYR B 205 6.15 -7.51 9.67
N VAL B 206 6.99 -7.03 10.58
CA VAL B 206 7.68 -5.75 10.39
C VAL B 206 9.10 -5.87 10.91
N ALA B 207 10.06 -5.53 10.06
CA ALA B 207 11.48 -5.52 10.35
C ALA B 207 11.84 -4.39 11.31
N LEU B 208 13.00 -4.52 11.94
CA LEU B 208 13.52 -3.58 12.94
C LEU B 208 12.76 -3.58 14.28
N GLN B 209 11.50 -3.98 14.28
CA GLN B 209 10.77 -3.94 15.54
C GLN B 209 11.19 -5.10 16.42
N THR B 210 12.40 -5.05 16.96
CA THR B 210 12.86 -6.16 17.80
C THR B 210 13.86 -5.69 18.86
N LYS B 211 13.47 -5.87 20.12
CA LYS B 211 14.23 -5.37 21.27
C LYS B 211 14.91 -4.02 21.05
N GLY B 212 14.20 -3.04 20.51
CA GLY B 212 14.83 -1.75 20.29
C GLY B 212 15.86 -1.68 19.19
N ALA B 213 15.78 -2.57 18.20
CA ALA B 213 16.79 -2.59 17.13
C ALA B 213 16.88 -1.26 16.42
N LEU B 214 15.79 -0.50 16.39
CA LEU B 214 15.81 0.87 15.87
C LEU B 214 16.80 1.78 16.59
N GLN B 215 17.32 1.39 17.74
CA GLN B 215 18.31 2.21 18.43
C GLN B 215 19.63 1.50 18.70
N LYS B 216 19.64 0.19 18.91
CA LYS B 216 20.84 -0.53 19.28
C LYS B 216 21.65 -1.04 18.09
N LYS B 217 21.08 -1.09 16.88
CA LYS B 217 21.73 -1.75 15.74
C LYS B 217 21.63 -0.89 14.48
N PRO B 218 22.17 0.33 14.53
CA PRO B 218 21.95 1.27 13.42
C PRO B 218 22.47 0.79 12.06
N LEU B 219 23.50 -0.05 12.02
CA LEU B 219 23.92 -0.63 10.75
C LEU B 219 22.82 -1.49 10.13
N TYR B 220 22.00 -2.13 10.95
CA TYR B 220 20.90 -2.93 10.43
C TYR B 220 19.69 -2.10 10.07
N VAL B 221 19.48 -0.98 10.78
CA VAL B 221 18.51 0.01 10.30
C VAL B 221 18.90 0.49 8.91
N ALA B 222 20.17 0.81 8.71
CA ALA B 222 20.64 1.25 7.41
C ALA B 222 20.41 0.21 6.33
N PHE B 223 20.68 -1.06 6.63
CA PHE B 223 20.35 -2.09 5.65
C PHE B 223 18.86 -2.12 5.31
N SER B 224 18.00 -2.04 6.31
CA SER B 224 16.56 -2.13 6.03
C SER B 224 16.08 -0.99 5.13
N PHE B 225 16.55 0.23 5.38
CA PHE B 225 16.15 1.33 4.51
C PHE B 225 16.72 1.20 3.11
N MET B 226 17.99 0.85 2.99
CA MET B 226 18.54 0.66 1.65
C MET B 226 17.87 -0.49 0.92
N TYR B 227 17.48 -1.55 1.64
CA TYR B 227 16.80 -2.65 0.99
C TYR B 227 15.45 -2.23 0.44
N ILE B 228 14.70 -1.39 1.16
CA ILE B 228 13.44 -0.90 0.62
C ILE B 228 13.68 -0.06 -0.62
N LEU B 229 14.57 0.93 -0.53
CA LEU B 229 14.74 1.87 -1.63
C LEU B 229 15.41 1.23 -2.85
N VAL B 230 16.26 0.22 -2.66
CA VAL B 230 16.78 -0.51 -3.81
C VAL B 230 15.77 -1.52 -4.37
N GLY B 231 15.09 -2.27 -3.51
CA GLY B 231 14.16 -3.26 -3.99
C GLY B 231 13.01 -2.67 -4.77
N LEU B 232 12.45 -1.56 -4.29
CA LEU B 232 11.42 -0.88 -5.07
C LEU B 232 11.95 -0.38 -6.39
N THR B 233 13.23 0.01 -6.46
CA THR B 233 13.80 0.39 -7.74
C THR B 233 13.81 -0.77 -8.72
N VAL B 234 14.16 -1.96 -8.26
CA VAL B 234 14.19 -3.12 -9.17
C VAL B 234 12.79 -3.51 -9.61
N ILE B 235 11.83 -3.54 -8.69
CA ILE B 235 10.45 -3.82 -9.06
C ILE B 235 9.88 -2.74 -9.98
N GLY B 236 10.21 -1.48 -9.71
CA GLY B 236 9.79 -0.41 -10.61
C GLY B 236 10.36 -0.56 -12.01
N ALA B 237 11.63 -0.94 -12.11
CA ALA B 237 12.22 -1.18 -13.43
C ALA B 237 11.54 -2.34 -14.14
N PHE B 238 11.13 -3.37 -13.41
CA PHE B 238 10.42 -4.47 -14.05
C PHE B 238 9.05 -4.06 -14.55
N LEU B 239 8.27 -3.35 -13.74
CA LEU B 239 7.01 -2.81 -14.25
C LEU B 239 7.23 -1.86 -15.41
N ASN B 240 8.29 -1.07 -15.36
CA ASN B 240 8.58 -0.16 -16.46
C ASN B 240 8.84 -0.90 -17.75
N LEU B 241 9.47 -2.06 -17.67
CA LEU B 241 9.72 -2.85 -18.87
C LEU B 241 8.45 -3.54 -19.38
N VAL B 242 7.75 -4.26 -18.50
CA VAL B 242 6.69 -5.16 -18.94
C VAL B 242 5.33 -4.48 -19.06
N VAL B 243 4.94 -3.69 -18.06
CA VAL B 243 3.56 -3.22 -17.97
C VAL B 243 3.35 -1.84 -18.59
N LEU B 244 4.30 -0.92 -18.44
CA LEU B 244 4.02 0.49 -18.67
C LEU B 244 3.49 0.79 -20.07
N ARG B 245 3.88 0.03 -21.09
CA ARG B 245 3.33 0.26 -22.42
C ARG B 245 1.81 0.18 -22.45
N PHE B 246 1.21 -0.69 -21.63
CA PHE B 246 -0.24 -0.86 -21.64
C PHE B 246 -0.98 0.31 -21.00
N LEU B 247 -0.33 1.09 -20.15
CA LEU B 247 -1.00 2.24 -19.56
C LEU B 247 -1.24 3.32 -20.60
N THR B 248 -0.27 3.52 -21.49
CA THR B 248 -0.33 4.58 -22.48
C THR B 248 -1.02 4.18 -23.78
N MET B 249 -0.93 2.90 -24.20
CA MET B 249 -1.43 2.58 -25.53
C MET B 249 -2.93 2.84 -25.70
N ASN B 250 -3.70 2.91 -24.61
CA ASN B 250 -5.09 3.31 -24.77
C ASN B 250 -5.22 4.76 -25.25
N SER B 251 -4.38 5.65 -24.73
CA SER B 251 -4.36 7.02 -25.22
C SER B 251 -3.75 7.12 -26.61
N GLU B 252 -2.73 6.32 -26.91
CA GLU B 252 -2.21 6.26 -28.26
C GLU B 252 -3.27 5.79 -29.26
N ASP B 253 -4.08 4.81 -28.88
CA ASP B 253 -5.18 4.38 -29.74
C ASP B 253 -6.22 5.48 -29.92
N GLU B 254 -6.49 6.26 -28.88
CA GLU B 254 -7.43 7.37 -29.03
C GLU B 254 -6.87 8.45 -29.94
N ARG B 255 -5.58 8.76 -29.81
CA ARG B 255 -4.93 9.70 -30.73
C ARG B 255 -5.00 9.21 -32.17
N ARG B 256 -4.75 7.92 -32.39
CA ARG B 256 -4.88 7.36 -33.74
C ARG B 256 -6.31 7.47 -34.26
N ASP B 257 -7.30 7.23 -33.40
CA ASP B 257 -8.70 7.40 -33.80
C ASP B 257 -9.01 8.85 -34.17
N ALA B 258 -8.43 9.81 -33.45
CA ALA B 258 -8.61 11.21 -33.82
C ALA B 258 -7.89 11.55 -35.13
N GLU B 259 -6.69 11.01 -35.33
CA GLU B 259 -5.97 11.28 -36.57
C GLU B 259 -6.65 10.64 -37.77
N ALA B 260 -7.39 9.55 -37.56
CA ALA B 260 -8.17 8.95 -38.65
C ALA B 260 -9.41 9.76 -39.01
N GLU B 261 -9.78 10.75 -38.22
CA GLU B 261 -10.96 11.55 -38.52
C GLU B 261 -10.77 12.39 -39.77
CAA Y01 C . -0.78 15.15 -7.22
CBA Y01 C . -0.57 16.64 -7.06
CAB Y01 C . -1.29 17.16 -5.85
CAN Y01 C . 0.90 16.99 -7.01
CAJ Y01 C . 1.73 16.56 -8.21
CAO Y01 C . 3.20 16.91 -8.07
CBB Y01 C . 4.10 16.42 -9.22
CAC Y01 C . 3.47 16.80 -10.55
CBE Y01 C . 5.52 16.99 -9.03
CAP Y01 C . 6.04 16.76 -7.60
CAQ Y01 C . 7.57 16.67 -7.70
CBG Y01 C . 7.87 17.06 -9.15
CBI Y01 C . 6.67 16.49 -9.93
CAE Y01 C . 6.71 14.96 -9.99
CAU Y01 C . 6.75 17.09 -11.34
CAS Y01 C . 8.09 16.82 -12.01
CBF Y01 C . 9.28 17.29 -11.19
CBD Y01 C . 9.24 16.74 -9.76
CAK Y01 C . 10.34 17.37 -8.91
CAI Y01 C . 11.61 17.62 -9.67
CAZ Y01 C . 11.79 17.38 -10.96
CAV Y01 C . 13.17 17.44 -11.57
CBH Y01 C . 10.65 17.03 -11.89
CAD Y01 C . 10.80 15.55 -12.32
CAT Y01 C . 10.73 17.93 -13.14
CAR Y01 C . 12.11 17.85 -13.79
CBC Y01 C . 13.18 18.30 -12.82
OAW Y01 C . 14.48 18.11 -13.46
CAY Y01 C . 15.21 19.19 -13.75
OAG Y01 C . 14.84 20.32 -13.53
CAM Y01 C . 16.51 18.82 -14.38
CAL Y01 C . 16.88 19.70 -15.55
CAX Y01 C . 15.84 19.73 -16.66
OAH Y01 C . 15.29 18.64 -16.95
OAF Y01 C . 15.59 20.81 -17.21
CAA Y01 D . -19.24 -3.66 -12.61
CBA Y01 D . -20.20 -2.59 -12.13
CAB Y01 D . -20.85 -1.87 -13.30
CAN Y01 D . -21.24 -3.19 -11.20
CAJ Y01 D . -20.73 -3.63 -9.84
CAO Y01 D . -21.73 -4.47 -9.07
CBB Y01 D . -21.64 -4.38 -7.54
CAC Y01 D . -22.88 -3.70 -6.99
CBE Y01 D . -21.38 -5.79 -6.95
CAP Y01 D . -20.06 -6.40 -7.46
CAQ Y01 D . -19.56 -7.35 -6.36
CBG Y01 D . -20.73 -7.41 -5.36
CBI Y01 D . -21.32 -5.98 -5.41
CAE Y01 D . -20.36 -4.97 -4.76
CAU Y01 D . -22.65 -6.04 -4.66
CAS Y01 D . -22.50 -6.57 -3.25
CBF Y01 D . -21.83 -7.95 -3.19
CBD Y01 D . -20.50 -7.95 -3.96
CAK Y01 D . -19.95 -9.38 -4.03
CAI Y01 D . -20.13 -10.15 -2.77
CAZ Y01 D . -20.86 -9.76 -1.73
CAV Y01 D . -20.86 -10.56 -0.45
CBH Y01 D . -21.71 -8.49 -1.74
CAD Y01 D . -21.06 -7.47 -0.80
CAT Y01 D . -23.12 -8.84 -1.22
CAR Y01 D . -23.07 -9.53 0.14
CBC Y01 D . -22.28 -10.82 0.03
OAW Y01 D . -22.18 -11.42 1.37
CAY Y01 D . -22.74 -12.62 1.53
OAG Y01 D . -23.35 -13.21 0.68
CAM Y01 D . -22.52 -13.13 2.93
CAL Y01 D . -21.65 -14.37 2.95
CAX Y01 D . -21.40 -14.94 4.33
OAH Y01 D . -20.98 -16.11 4.41
OAF Y01 D . -21.63 -14.21 5.32
K K E . -2.03 -3.79 12.16
K K F . -1.07 -2.00 6.42
K K G . -0.60 -1.10 3.54
K K H . -0.19 -0.35 1.11
K K I . 0.25 0.47 -1.51
CAA Y01 J . 4.28 -8.62 -13.77
CBA Y01 J . 4.17 -9.92 -14.54
CAB Y01 J . 4.55 -11.09 -13.66
CAN Y01 J . 2.79 -10.11 -15.12
CAJ Y01 J . 2.32 -9.00 -16.07
CAO Y01 J . 0.91 -9.24 -16.59
CBB Y01 J . 0.35 -8.13 -17.48
CAC Y01 J . 1.38 -7.75 -18.54
CBE Y01 J . -1.00 -8.57 -18.07
CAP Y01 J . -1.94 -9.11 -16.98
CAQ Y01 J . -3.37 -8.84 -17.46
CBG Y01 J . -3.19 -8.33 -18.90
CBI Y01 J . -1.87 -7.54 -18.83
CAE Y01 J . -2.03 -6.24 -18.04
CAU Y01 J . -1.47 -7.25 -20.28
CAS Y01 J . -2.57 -6.53 -21.05
CBF Y01 J . -3.92 -7.26 -21.03
CBD Y01 J . -4.34 -7.61 -19.60
CAK Y01 J . -5.58 -8.50 -19.61
CAI Y01 J . -6.55 -8.17 -20.72
CAZ Y01 J . -6.35 -7.25 -21.64
CAV Y01 J . -7.47 -6.82 -22.56
CBH Y01 J . -5.02 -6.53 -21.84
CAD Y01 J . -5.17 -5.08 -21.40
CAT Y01 J . -4.65 -6.58 -23.33
CAR Y01 J . -5.77 -6.04 -24.20
CBC Y01 J . -7.04 -6.84 -24.02
OAW Y01 J . -8.10 -6.20 -24.79
CAY Y01 J . -8.61 -6.88 -25.83
OAG Y01 J . -8.22 -7.97 -26.18
CAM Y01 J . -9.70 -6.11 -26.50
CAL Y01 J . -9.62 -6.15 -28.01
CAX Y01 J . -8.30 -5.65 -28.58
OAH Y01 J . -7.79 -4.64 -28.04
OAF Y01 J . -7.79 -6.27 -29.53
CAA Y01 K . 21.69 8.22 -2.09
CBA Y01 K . 22.57 6.99 -2.02
CAB Y01 K . 23.59 6.99 -3.13
CAN Y01 K . 23.21 6.88 -0.65
CAJ Y01 K . 22.28 6.55 0.50
CAO Y01 K . 22.93 6.72 1.86
CBB Y01 K . 22.40 5.81 2.97
CAC Y01 K . 23.49 4.82 3.40
CBE Y01 K . 21.85 6.66 4.13
CAP Y01 K . 20.69 7.57 3.68
CAQ Y01 K . 19.81 7.80 4.92
CBG Y01 K . 20.62 7.19 6.07
CBI Y01 K . 21.31 5.98 5.42
CAE Y01 K . 20.31 4.86 5.09
CAU Y01 K . 22.35 5.49 6.43
CAS Y01 K . 21.75 5.16 7.78
CBF Y01 K . 20.96 6.33 8.39
CBD Y01 K . 19.93 6.88 7.40
CAK Y01 K . 19.29 8.16 7.97
CAI Y01 K . 19.02 8.08 9.43
CAZ Y01 K . 19.44 7.11 10.24
CAV Y01 K . 18.99 7.07 11.68
CBH Y01 K . 20.36 5.99 9.78
CAD Y01 K . 19.57 4.68 9.75
CAT Y01 K . 21.52 5.87 10.80
CAR Y01 K . 21.00 5.69 12.23
CBC Y01 K . 20.17 6.89 12.62
OAW Y01 K . 19.63 6.65 13.96
CAY Y01 K . 20.00 7.50 14.92
OAG Y01 K . 20.78 8.40 14.76
CAM Y01 K . 19.32 7.17 16.22
CAL Y01 K . 18.38 8.27 16.67
CAX Y01 K . 17.68 7.99 17.99
OAH Y01 K . 17.15 8.97 18.57
OAF Y01 K . 17.68 6.82 18.42
#